data_8IN7
#
_entry.id   8IN7
#
_cell.length_a   45.437
_cell.length_b   52.068
_cell.length_c   200.195
_cell.angle_alpha   90.00
_cell.angle_beta   90.00
_cell.angle_gamma   90.00
#
_symmetry.space_group_name_H-M   'P 21 21 21'
#
loop_
_entity.id
_entity.type
_entity.pdbx_description
1 polymer Glycosyltransferase
2 non-polymer "URIDINE-5'-DIPHOSPHATE-GLUCOSE"
3 water water
#
_entity_poly.entity_id   1
_entity_poly.type   'polypeptide(L)'
_entity_poly.pdbx_seq_one_letter_code
;MGTIDIITSPTPIHILAFPFPAKGHINPLLHLCNRLASKGFKITLITTVSTLKSVKTSKANGIDIESIPDGIPQEQNHQI
ITVMEMNMELYFKQFKASAIENTTKLIQKLKTKNPLPKVLIYDSSMPWILEVAHEQGLLGASFFTQPCSVSAIYYHMLQG
TIKLPLENSENGMVSLPYLPLLEIKDLPGVQQFEDNSEAVAELLADQFSNIDDVDYVLFNTFDALEIEVVNWMGSKWPIL
TVGPTAPTSMFFLDKKQKNYEDGRSINYLFETNTEVCMKWLDQREIDTVIYVSFGSLASLTEEQMEQVSQALIRSNCYFL
WVVREEEENKLPKDFKETTSKKKGLVINWCPQLDVLAHKSVACFMTHCGWNSTLEALCSGVPMICMPQWADQTTNAKLIE
HVWKIGVGVNKSDENGIVKREEIEDCIRQVIESERGKELKRNAIKWKELAKEAVSEGGSSCNNIQEFSSSLLFN
;
_entity_poly.pdbx_strand_id   A
#
loop_
_chem_comp.id
_chem_comp.type
_chem_comp.name
_chem_comp.formula
UPG non-polymer URIDINE-5'-DIPHOSPHATE-GLUCOSE 'C15 H24 N2 O17 P2'
#
# COMPACT_ATOMS: atom_id res chain seq x y z
N PRO A 12 -20.40 6.73 -21.85
CA PRO A 12 -19.94 6.77 -20.46
C PRO A 12 -18.92 7.89 -20.23
N ILE A 13 -18.76 8.29 -18.96
CA ILE A 13 -17.73 9.24 -18.58
C ILE A 13 -16.40 8.50 -18.47
N HIS A 14 -15.35 9.08 -19.04
CA HIS A 14 -14.08 8.40 -19.22
C HIS A 14 -13.08 8.92 -18.19
N ILE A 15 -12.62 8.04 -17.32
CA ILE A 15 -11.66 8.36 -16.27
C ILE A 15 -10.32 7.77 -16.67
N LEU A 16 -9.27 8.57 -16.57
CA LEU A 16 -7.90 8.12 -16.70
C LEU A 16 -7.30 7.99 -15.30
N ALA A 17 -6.52 6.95 -15.11
CA ALA A 17 -5.91 6.67 -13.81
C ALA A 17 -4.42 6.46 -13.99
N PHE A 18 -3.62 7.16 -13.19
CA PHE A 18 -2.16 7.15 -13.35
C PHE A 18 -1.51 6.93 -12.00
N PRO A 19 -1.34 5.67 -11.58
CA PRO A 19 -0.64 5.41 -10.31
C PRO A 19 0.86 5.57 -10.47
N PHE A 20 1.53 5.82 -9.35
CA PHE A 20 2.98 5.73 -9.37
C PHE A 20 3.37 4.27 -9.64
N PRO A 21 4.45 4.03 -10.40
CA PRO A 21 4.77 2.65 -10.82
C PRO A 21 5.36 1.78 -9.72
N ALA A 22 4.52 1.42 -8.76
CA ALA A 22 4.91 0.45 -7.74
C ALA A 22 3.62 -0.20 -7.27
N LYS A 23 3.73 -1.47 -6.82
CA LYS A 23 2.49 -2.22 -6.59
C LYS A 23 1.66 -1.61 -5.47
N GLY A 24 2.27 -1.04 -4.44
CA GLY A 24 1.52 -0.39 -3.36
C GLY A 24 0.81 0.89 -3.79
N HIS A 25 1.07 1.36 -5.00
CA HIS A 25 0.37 2.50 -5.58
C HIS A 25 -0.61 2.07 -6.65
N ILE A 26 -0.22 1.11 -7.49
CA ILE A 26 -1.09 0.59 -8.55
C ILE A 26 -2.31 -0.10 -7.94
N ASN A 27 -2.08 -0.98 -6.97
CA ASN A 27 -3.18 -1.81 -6.47
C ASN A 27 -4.33 -1.00 -5.89
N PRO A 28 -4.13 -0.05 -4.95
CA PRO A 28 -5.30 0.65 -4.41
C PRO A 28 -6.02 1.47 -5.47
N LEU A 29 -5.28 2.01 -6.43
CA LEU A 29 -5.93 2.75 -7.50
C LEU A 29 -6.71 1.81 -8.42
N LEU A 30 -6.12 0.66 -8.74
CA LEU A 30 -6.83 -0.35 -9.51
C LEU A 30 -8.16 -0.71 -8.85
N HIS A 31 -8.16 -0.90 -7.53
CA HIS A 31 -9.41 -1.28 -6.87
C HIS A 31 -10.43 -0.15 -6.93
N LEU A 32 -10.01 1.10 -6.75
CA LEU A 32 -10.93 2.22 -6.95
C LEU A 32 -11.49 2.20 -8.36
N CYS A 33 -10.62 1.95 -9.35
CA CYS A 33 -11.05 1.92 -10.74
C CYS A 33 -12.08 0.82 -10.99
N ASN A 34 -11.91 -0.34 -10.34
CA ASN A 34 -12.89 -1.41 -10.53
C ASN A 34 -14.24 -1.01 -9.96
N ARG A 35 -14.24 -0.36 -8.81
CA ARG A 35 -15.48 0.18 -8.26
C ARG A 35 -16.13 1.18 -9.20
N LEU A 36 -15.33 2.10 -9.74
CA LEU A 36 -15.90 3.12 -10.61
C LEU A 36 -16.41 2.51 -11.91
N ALA A 37 -15.69 1.53 -12.46
CA ALA A 37 -16.16 0.84 -13.66
C ALA A 37 -17.48 0.13 -13.41
N SER A 38 -17.67 -0.41 -12.20
CA SER A 38 -18.94 -1.03 -11.83
C SER A 38 -20.09 -0.04 -11.82
N LYS A 39 -19.79 1.25 -11.65
CA LYS A 39 -20.81 2.28 -11.71
C LYS A 39 -20.99 2.84 -13.12
N GLY A 40 -20.38 2.20 -14.12
CA GLY A 40 -20.58 2.55 -15.51
C GLY A 40 -19.50 3.42 -16.15
N PHE A 41 -18.52 3.89 -15.38
CA PHE A 41 -17.45 4.72 -15.94
C PHE A 41 -16.53 3.89 -16.83
N LYS A 42 -16.02 4.51 -17.90
CA LYS A 42 -14.92 3.88 -18.63
C LYS A 42 -13.59 4.26 -17.99
N ILE A 43 -12.69 3.28 -17.88
CA ILE A 43 -11.40 3.47 -17.22
C ILE A 43 -10.28 3.18 -18.21
N THR A 44 -9.29 4.07 -18.25
CA THR A 44 -8.02 3.78 -18.89
C THR A 44 -6.93 3.89 -17.84
N LEU A 45 -6.17 2.82 -17.67
CA LEU A 45 -5.07 2.79 -16.71
C LEU A 45 -3.77 3.10 -17.42
N ILE A 46 -3.01 4.07 -16.90
CA ILE A 46 -1.73 4.47 -17.48
C ILE A 46 -0.62 3.81 -16.68
N THR A 47 0.19 2.99 -17.36
CA THR A 47 1.29 2.26 -16.75
C THR A 47 2.59 2.50 -17.50
N THR A 48 3.71 2.37 -16.79
CA THR A 48 4.98 2.35 -17.48
C THR A 48 5.18 1.01 -18.19
N VAL A 49 6.05 1.02 -19.20
CA VAL A 49 6.49 -0.22 -19.86
C VAL A 49 6.93 -1.25 -18.82
N SER A 50 7.74 -0.83 -17.85
CA SER A 50 8.24 -1.79 -16.87
C SER A 50 7.11 -2.42 -16.07
N THR A 51 6.13 -1.61 -15.65
CA THR A 51 4.97 -2.17 -14.99
C THR A 51 4.24 -3.15 -15.90
N LEU A 52 4.01 -2.77 -17.16
CA LEU A 52 3.28 -3.65 -18.07
C LEU A 52 3.95 -5.01 -18.24
N LYS A 53 5.30 -5.06 -18.15
CA LYS A 53 6.00 -6.33 -18.31
C LYS A 53 5.55 -7.35 -17.27
N SER A 54 5.12 -6.90 -16.11
CA SER A 54 4.73 -7.78 -15.02
C SER A 54 3.22 -8.02 -14.98
N VAL A 55 2.45 -7.36 -15.83
CA VAL A 55 1.00 -7.55 -15.86
C VAL A 55 0.71 -8.87 -16.58
N LYS A 56 -0.03 -9.75 -15.91
CA LYS A 56 -0.31 -11.08 -16.46
C LYS A 56 -1.78 -11.31 -16.77
N THR A 57 -2.69 -10.61 -16.10
CA THR A 57 -4.12 -10.74 -16.37
C THR A 57 -4.74 -9.36 -16.34
N SER A 58 -5.53 -9.06 -17.37
CA SER A 58 -6.19 -7.77 -17.44
C SER A 58 -7.51 -7.86 -18.18
N LYS A 59 -7.71 -8.94 -18.95
CA LYS A 59 -8.90 -9.00 -19.82
C LYS A 59 -10.18 -8.86 -19.01
N ALA A 60 -10.28 -9.55 -17.86
CA ALA A 60 -11.56 -9.63 -17.19
C ALA A 60 -11.98 -8.29 -16.59
N ASN A 61 -11.03 -7.41 -16.29
CA ASN A 61 -11.43 -6.16 -15.65
C ASN A 61 -11.95 -5.12 -16.63
N GLY A 62 -11.83 -5.36 -17.94
CA GLY A 62 -12.44 -4.49 -18.93
C GLY A 62 -11.85 -3.09 -18.98
N ILE A 63 -10.71 -2.89 -18.34
CA ILE A 63 -10.06 -1.58 -18.30
C ILE A 63 -9.05 -1.51 -19.43
N ASP A 64 -9.07 -0.42 -20.18
CA ASP A 64 -8.00 -0.20 -21.15
C ASP A 64 -6.70 0.10 -20.41
N ILE A 65 -5.62 -0.55 -20.82
CA ILE A 65 -4.29 -0.26 -20.29
C ILE A 65 -3.48 0.38 -21.40
N GLU A 66 -2.95 1.58 -21.13
CA GLU A 66 -2.08 2.29 -22.05
C GLU A 66 -0.72 2.49 -21.39
N SER A 67 0.35 2.28 -22.15
CA SER A 67 1.67 2.33 -21.55
C SER A 67 2.45 3.57 -22.01
N ILE A 68 3.29 4.06 -21.11
CA ILE A 68 4.21 5.16 -21.37
C ILE A 68 5.62 4.64 -21.09
N PRO A 69 6.64 5.31 -21.63
CA PRO A 69 8.02 4.92 -21.31
C PRO A 69 8.29 5.03 -19.82
N ASP A 70 9.24 4.21 -19.33
CA ASP A 70 9.70 4.33 -17.95
C ASP A 70 10.21 5.75 -17.68
N GLY A 71 11.00 6.28 -18.60
CA GLY A 71 11.65 7.57 -18.47
C GLY A 71 12.92 7.54 -17.65
N ILE A 72 13.32 6.39 -17.12
CA ILE A 72 14.59 6.21 -16.41
C ILE A 72 15.23 4.93 -16.95
N PRO A 73 16.50 4.65 -16.65
CA PRO A 73 17.15 3.48 -17.26
C PRO A 73 16.51 2.15 -16.87
N GLN A 74 16.72 1.16 -17.74
CA GLN A 74 16.24 -0.21 -17.57
C GLN A 74 17.45 -1.06 -17.16
N GLU A 75 17.54 -1.38 -15.87
CA GLU A 75 18.70 -2.08 -15.30
C GLU A 75 18.28 -3.51 -14.99
N GLN A 76 18.70 -4.44 -15.86
CA GLN A 76 18.36 -5.86 -15.76
C GLN A 76 16.83 -5.98 -15.72
N ASN A 77 16.25 -6.75 -14.81
CA ASN A 77 14.81 -6.87 -14.69
C ASN A 77 14.30 -6.25 -13.39
N HIS A 78 15.00 -5.24 -12.90
CA HIS A 78 14.66 -4.58 -11.64
C HIS A 78 13.46 -3.67 -11.80
N GLN A 79 12.78 -3.41 -10.68
CA GLN A 79 11.59 -2.58 -10.64
C GLN A 79 11.97 -1.09 -10.65
N ILE A 80 10.98 -0.24 -10.94
CA ILE A 80 11.24 1.18 -11.16
C ILE A 80 11.92 1.80 -9.95
N ILE A 81 11.34 1.63 -8.76
CA ILE A 81 11.91 2.22 -7.56
C ILE A 81 13.33 1.75 -7.32
N THR A 82 13.63 0.48 -7.66
CA THR A 82 14.98 -0.04 -7.51
C THR A 82 15.98 0.75 -8.34
N VAL A 83 15.69 0.92 -9.64
CA VAL A 83 16.55 1.76 -10.47
C VAL A 83 16.57 3.17 -9.94
N MET A 84 15.40 3.66 -9.52
CA MET A 84 15.27 5.04 -9.11
C MET A 84 16.13 5.32 -7.87
N GLU A 85 16.28 4.31 -7.00
CA GLU A 85 17.05 4.47 -5.77
C GLU A 85 18.55 4.63 -6.02
N MET A 86 19.06 4.23 -7.20
CA MET A 86 20.48 4.45 -7.48
C MET A 86 20.84 5.94 -7.41
N ASN A 87 19.89 6.81 -7.75
CA ASN A 87 20.10 8.26 -7.70
C ASN A 87 18.70 8.88 -7.71
N MET A 88 18.10 8.99 -6.53
CA MET A 88 16.69 9.35 -6.45
C MET A 88 16.44 10.77 -6.95
N GLU A 89 17.32 11.73 -6.61
CA GLU A 89 17.03 13.09 -7.01
C GLU A 89 17.07 13.22 -8.53
N LEU A 90 18.06 12.61 -9.18
CA LEU A 90 18.14 12.68 -10.64
C LEU A 90 17.01 11.89 -11.29
N TYR A 91 16.81 10.65 -10.84
CA TYR A 91 15.91 9.75 -11.54
C TYR A 91 14.44 10.07 -11.27
N PHE A 92 14.10 10.62 -10.10
CA PHE A 92 12.72 11.06 -9.95
C PHE A 92 12.43 12.24 -10.87
N LYS A 93 13.40 13.13 -11.03
CA LYS A 93 13.22 14.26 -11.95
C LYS A 93 13.14 13.78 -13.40
N GLN A 94 13.92 12.77 -13.78
CA GLN A 94 13.81 12.21 -15.13
C GLN A 94 12.46 11.53 -15.32
N PHE A 95 12.05 10.73 -14.34
CA PHE A 95 10.73 10.11 -14.41
C PHE A 95 9.64 11.16 -14.54
N LYS A 96 9.75 12.24 -13.77
CA LYS A 96 8.77 13.31 -13.83
C LYS A 96 8.72 13.96 -15.22
N ALA A 97 9.87 14.38 -15.74
CA ALA A 97 9.87 15.03 -17.04
C ALA A 97 9.32 14.13 -18.13
N SER A 98 9.74 12.87 -18.14
CA SER A 98 9.23 11.92 -19.13
C SER A 98 7.73 11.65 -18.95
N ALA A 99 7.27 11.54 -17.71
CA ALA A 99 5.86 11.27 -17.48
C ALA A 99 5.00 12.46 -17.92
N ILE A 100 5.48 13.69 -17.68
CA ILE A 100 4.74 14.87 -18.13
C ILE A 100 4.58 14.83 -19.64
N GLU A 101 5.69 14.65 -20.35
CA GLU A 101 5.66 14.64 -21.81
C GLU A 101 4.82 13.49 -22.34
N ASN A 102 4.96 12.30 -21.76
CA ASN A 102 4.30 11.16 -22.37
C ASN A 102 2.84 11.03 -21.93
N THR A 103 2.49 11.49 -20.73
CA THR A 103 1.06 11.51 -20.41
C THR A 103 0.36 12.56 -21.24
N THR A 104 1.04 13.66 -21.56
CA THR A 104 0.46 14.66 -22.46
C THR A 104 0.21 14.05 -23.84
N LYS A 105 1.23 13.39 -24.40
CA LYS A 105 1.08 12.70 -25.69
C LYS A 105 -0.04 11.67 -25.65
N LEU A 106 -0.10 10.88 -24.59
CA LEU A 106 -1.14 9.84 -24.50
C LEU A 106 -2.52 10.45 -24.45
N ILE A 107 -2.69 11.53 -23.67
CA ILE A 107 -4.00 12.18 -23.60
C ILE A 107 -4.37 12.77 -24.96
N GLN A 108 -3.39 13.35 -25.67
CA GLN A 108 -3.67 13.84 -27.00
C GLN A 108 -4.17 12.72 -27.92
N LYS A 109 -3.61 11.51 -27.78
CA LYS A 109 -4.10 10.39 -28.57
C LYS A 109 -5.49 9.95 -28.11
N LEU A 110 -5.72 9.89 -26.80
CA LEU A 110 -7.04 9.49 -26.30
C LEU A 110 -8.12 10.46 -26.75
N LYS A 111 -7.75 11.73 -26.98
CA LYS A 111 -8.71 12.70 -27.49
C LYS A 111 -9.11 12.46 -28.94
N THR A 112 -8.57 11.44 -29.61
CA THR A 112 -9.07 11.03 -30.93
C THR A 112 -10.07 9.90 -30.86
N LYS A 113 -10.48 9.50 -29.67
CA LYS A 113 -11.38 8.37 -29.47
C LYS A 113 -12.53 8.78 -28.58
N ASN A 114 -13.71 8.22 -28.86
CA ASN A 114 -14.84 8.40 -27.97
C ASN A 114 -14.95 7.18 -27.06
N PRO A 115 -15.30 7.33 -25.78
CA PRO A 115 -15.59 8.63 -25.16
C PRO A 115 -14.32 9.40 -24.79
N LEU A 116 -14.40 10.72 -24.91
CA LEU A 116 -13.26 11.56 -24.59
C LEU A 116 -12.97 11.52 -23.10
N PRO A 117 -11.70 11.59 -22.69
CA PRO A 117 -11.38 11.60 -21.27
C PRO A 117 -11.89 12.88 -20.62
N LYS A 118 -12.29 12.76 -19.36
CA LYS A 118 -12.86 13.88 -18.60
C LYS A 118 -12.14 14.15 -17.30
N VAL A 119 -11.50 13.14 -16.70
CA VAL A 119 -10.85 13.31 -15.41
C VAL A 119 -9.61 12.42 -15.38
N LEU A 120 -8.60 12.89 -14.65
CA LEU A 120 -7.35 12.17 -14.44
C LEU A 120 -7.17 12.00 -12.94
N ILE A 121 -7.31 10.77 -12.47
CA ILE A 121 -6.94 10.43 -11.09
C ILE A 121 -5.46 10.03 -11.10
N TYR A 122 -4.64 10.76 -10.36
CA TYR A 122 -3.22 10.52 -10.40
C TYR A 122 -2.72 10.34 -8.97
N ASP A 123 -1.59 9.65 -8.86
CA ASP A 123 -1.02 9.36 -7.56
C ASP A 123 -0.59 10.66 -6.89
N SER A 124 -0.93 10.80 -5.60
CA SER A 124 -0.60 12.03 -4.90
C SER A 124 0.90 12.30 -4.90
N SER A 125 1.74 11.29 -5.10
CA SER A 125 3.17 11.56 -5.12
C SER A 125 3.63 12.20 -6.42
N MET A 126 2.74 12.37 -7.40
CA MET A 126 3.09 13.06 -8.63
C MET A 126 2.19 14.29 -8.78
N PRO A 127 2.33 15.26 -7.87
CA PRO A 127 1.40 16.42 -7.88
C PRO A 127 1.46 17.22 -9.16
N TRP A 128 2.61 17.27 -9.81
CA TRP A 128 2.77 18.00 -11.08
C TRP A 128 1.90 17.44 -12.20
N ILE A 129 1.34 16.23 -12.05
CA ILE A 129 0.40 15.75 -13.06
C ILE A 129 -0.86 16.59 -13.08
N LEU A 130 -1.18 17.31 -11.98
CA LEU A 130 -2.31 18.22 -12.01
C LEU A 130 -2.19 19.24 -13.14
N GLU A 131 -1.00 19.80 -13.34
CA GLU A 131 -0.85 20.76 -14.44
C GLU A 131 -1.12 20.13 -15.80
N VAL A 132 -0.76 18.86 -15.98
CA VAL A 132 -1.06 18.18 -17.24
C VAL A 132 -2.58 18.01 -17.40
N ALA A 133 -3.26 17.55 -16.35
CA ALA A 133 -4.71 17.39 -16.41
C ALA A 133 -5.38 18.71 -16.79
N HIS A 134 -5.01 19.80 -16.11
CA HIS A 134 -5.64 21.08 -16.37
C HIS A 134 -5.26 21.63 -17.75
N GLU A 135 -4.01 21.43 -18.16
CA GLU A 135 -3.63 21.87 -19.51
C GLU A 135 -4.46 21.16 -20.57
N GLN A 136 -4.80 19.89 -20.33
CA GLN A 136 -5.57 19.08 -21.25
C GLN A 136 -7.08 19.23 -21.07
N GLY A 137 -7.52 20.15 -20.22
CA GLY A 137 -8.94 20.36 -20.02
C GLY A 137 -9.63 19.30 -19.20
N LEU A 138 -8.87 18.54 -18.40
CA LEU A 138 -9.41 17.49 -17.55
C LEU A 138 -9.50 17.95 -16.11
N LEU A 139 -10.44 17.37 -15.36
CA LEU A 139 -10.41 17.47 -13.90
C LEU A 139 -9.26 16.64 -13.35
N GLY A 140 -8.68 17.10 -12.23
CA GLY A 140 -7.58 16.36 -11.66
C GLY A 140 -7.94 15.92 -10.25
N ALA A 141 -7.71 14.65 -9.94
CA ALA A 141 -8.00 14.08 -8.63
C ALA A 141 -6.72 13.45 -8.10
N SER A 142 -6.25 13.95 -6.95
CA SER A 142 -5.04 13.42 -6.31
C SER A 142 -5.43 12.28 -5.38
N PHE A 143 -4.80 11.13 -5.58
CA PHE A 143 -5.16 9.91 -4.85
C PHE A 143 -4.04 9.57 -3.89
N PHE A 144 -4.28 9.77 -2.59
CA PHE A 144 -3.31 9.46 -1.56
C PHE A 144 -3.43 7.97 -1.18
N THR A 145 -2.30 7.27 -1.21
CA THR A 145 -2.23 5.85 -0.92
C THR A 145 -1.69 5.58 0.48
N GLN A 146 -1.66 6.58 1.34
CA GLN A 146 -1.22 6.51 2.72
C GLN A 146 -2.36 7.09 3.55
N PRO A 147 -2.46 6.74 4.83
CA PRO A 147 -3.58 7.23 5.65
C PRO A 147 -3.45 8.73 5.91
N CYS A 148 -4.55 9.31 6.36
CA CYS A 148 -4.54 10.75 6.65
C CYS A 148 -3.55 11.07 7.75
N SER A 149 -3.41 10.17 8.73
CA SER A 149 -2.51 10.42 9.86
C SER A 149 -1.07 10.57 9.39
N VAL A 150 -0.62 9.72 8.46
CA VAL A 150 0.77 9.82 8.03
C VAL A 150 0.91 10.98 7.04
N SER A 151 -0.08 11.13 6.17
CA SER A 151 -0.06 12.23 5.21
C SER A 151 0.05 13.57 5.91
N ALA A 152 -0.64 13.72 7.06
CA ALA A 152 -0.55 14.96 7.83
C ALA A 152 0.90 15.30 8.18
N ILE A 153 1.72 14.29 8.46
CA ILE A 153 3.12 14.55 8.77
C ILE A 153 3.82 15.22 7.60
N TYR A 154 3.53 14.75 6.39
CA TYR A 154 4.13 15.33 5.20
C TYR A 154 3.66 16.76 5.00
N TYR A 155 2.39 17.02 5.30
CA TYR A 155 1.90 18.40 5.26
C TYR A 155 2.68 19.29 6.22
N HIS A 156 2.84 18.83 7.46
CA HIS A 156 3.61 19.61 8.42
C HIS A 156 5.06 19.79 7.97
N MET A 157 5.61 18.79 7.28
CA MET A 157 6.96 18.94 6.72
C MET A 157 6.98 20.06 5.70
N LEU A 158 5.96 20.11 4.84
CA LEU A 158 5.89 21.21 3.83
C LEU A 158 5.79 22.57 4.51
N GLN A 159 4.98 22.67 5.57
CA GLN A 159 4.79 23.95 6.29
C GLN A 159 6.05 24.34 7.09
N GLY A 160 6.95 23.39 7.32
CA GLY A 160 8.18 23.64 8.09
C GLY A 160 7.99 23.46 9.58
N THR A 161 6.82 23.00 10.01
CA THR A 161 6.53 22.74 11.45
C THR A 161 7.43 21.59 11.93
N ILE A 162 7.90 20.76 11.01
CA ILE A 162 8.77 19.62 11.38
C ILE A 162 9.71 19.31 10.21
N LYS A 163 10.93 18.88 10.50
CA LYS A 163 11.90 18.49 9.47
C LYS A 163 12.38 17.07 9.76
N LEU A 164 12.42 16.21 8.74
CA LEU A 164 12.79 14.79 8.95
C LEU A 164 14.17 14.51 8.33
N MET A 173 10.94 12.81 21.80
CA MET A 173 9.47 12.69 21.60
C MET A 173 8.97 13.77 20.66
N VAL A 174 7.99 13.45 19.80
CA VAL A 174 7.50 14.41 18.79
C VAL A 174 5.98 14.55 18.93
N SER A 175 5.50 15.78 18.99
CA SER A 175 4.07 16.04 19.11
C SER A 175 3.58 16.72 17.84
N LEU A 176 2.59 16.13 17.18
CA LEU A 176 1.94 16.74 16.04
C LEU A 176 0.44 16.68 16.24
N PRO A 177 -0.29 17.66 15.68
CA PRO A 177 -1.73 17.75 15.93
C PRO A 177 -2.46 16.45 15.56
N TYR A 178 -3.22 15.93 16.51
CA TYR A 178 -4.14 14.81 16.30
C TYR A 178 -3.41 13.50 16.00
N LEU A 179 -2.13 13.41 16.36
CA LEU A 179 -1.43 12.14 16.29
C LEU A 179 -0.94 11.74 17.69
N PRO A 180 -0.78 10.44 17.96
CA PRO A 180 -0.22 10.04 19.24
C PRO A 180 1.19 10.56 19.36
N LEU A 181 1.61 10.84 20.59
CA LEU A 181 2.99 11.13 20.88
C LEU A 181 3.88 10.07 20.23
N LEU A 182 4.90 10.52 19.49
CA LEU A 182 5.75 9.65 18.69
C LEU A 182 7.17 9.66 19.22
N GLU A 183 7.78 8.49 19.28
CA GLU A 183 9.23 8.45 19.42
C GLU A 183 9.85 8.71 18.06
N ILE A 184 11.16 8.97 18.07
CA ILE A 184 11.84 9.32 16.81
C ILE A 184 11.73 8.17 15.82
N LYS A 185 11.83 6.93 16.31
CA LYS A 185 11.71 5.76 15.46
C LYS A 185 10.32 5.62 14.84
N ASP A 186 9.32 6.31 15.39
CA ASP A 186 7.97 6.24 14.87
C ASP A 186 7.74 7.18 13.70
N LEU A 187 8.62 8.17 13.49
CA LEU A 187 8.45 9.07 12.36
C LEU A 187 8.69 8.33 11.05
N PRO A 188 8.13 8.81 9.93
CA PRO A 188 8.38 8.15 8.64
C PRO A 188 9.88 8.04 8.41
N GLY A 189 10.30 6.84 8.02
CA GLY A 189 11.71 6.54 7.95
C GLY A 189 12.34 6.98 6.66
N VAL A 190 12.92 8.18 6.65
CA VAL A 190 13.57 8.69 5.44
C VAL A 190 15.07 8.47 5.57
N GLN A 191 15.56 8.45 6.82
CA GLN A 191 16.99 8.24 7.05
C GLN A 191 17.47 6.93 6.46
N GLN A 192 16.58 5.93 6.36
CA GLN A 192 16.97 4.64 5.80
C GLN A 192 17.39 4.74 4.33
N PHE A 193 17.01 5.82 3.65
CA PHE A 193 17.33 5.97 2.24
C PHE A 193 18.71 6.54 1.98
N GLU A 194 19.52 6.76 3.02
CA GLU A 194 20.94 7.09 2.91
C GLU A 194 21.12 8.36 2.09
N ASP A 195 21.86 8.33 0.98
CA ASP A 195 22.09 9.52 0.16
C ASP A 195 20.84 9.94 -0.60
N ASN A 196 19.71 9.23 -0.45
CA ASN A 196 18.45 9.62 -1.04
C ASN A 196 17.48 10.22 -0.02
N SER A 197 17.90 10.30 1.25
CA SER A 197 16.98 10.71 2.31
C SER A 197 16.38 12.09 2.04
N GLU A 198 17.24 13.06 1.69
CA GLU A 198 16.74 14.42 1.44
C GLU A 198 15.77 14.45 0.25
N ALA A 199 16.11 13.79 -0.86
CA ALA A 199 15.18 13.75 -1.99
C ALA A 199 13.85 13.13 -1.58
N VAL A 200 13.89 12.06 -0.80
CA VAL A 200 12.65 11.38 -0.43
C VAL A 200 11.78 12.28 0.44
N ALA A 201 12.39 13.00 1.39
CA ALA A 201 11.63 13.89 2.26
C ALA A 201 10.95 15.00 1.47
N GLU A 202 11.65 15.54 0.47
CA GLU A 202 11.08 16.58 -0.38
C GLU A 202 9.92 16.05 -1.22
N LEU A 203 10.04 14.84 -1.76
CA LEU A 203 8.96 14.30 -2.58
C LEU A 203 7.71 14.02 -1.75
N LEU A 204 7.90 13.57 -0.50
CA LEU A 204 6.75 13.34 0.38
C LEU A 204 6.05 14.65 0.72
N ALA A 205 6.83 15.67 1.13
CA ALA A 205 6.25 16.96 1.46
C ALA A 205 5.52 17.57 0.26
N ASP A 206 6.06 17.39 -0.94
CA ASP A 206 5.54 18.01 -2.16
C ASP A 206 4.15 17.48 -2.52
N GLN A 207 3.68 16.40 -1.89
CA GLN A 207 2.31 15.96 -2.14
C GLN A 207 1.28 17.02 -1.79
N PHE A 208 1.61 17.97 -0.92
CA PHE A 208 0.69 19.02 -0.52
C PHE A 208 0.98 20.35 -1.20
N SER A 209 1.92 20.37 -2.15
CA SER A 209 2.39 21.65 -2.72
C SER A 209 1.30 22.37 -3.50
N ASN A 210 0.36 21.65 -4.13
CA ASN A 210 -0.66 22.32 -4.93
C ASN A 210 -2.07 21.93 -4.50
N ILE A 211 -2.23 21.49 -3.24
CA ILE A 211 -3.47 20.83 -2.81
C ILE A 211 -4.67 21.75 -2.96
N ASP A 212 -4.46 23.06 -2.87
CA ASP A 212 -5.60 23.98 -3.02
C ASP A 212 -6.10 24.08 -4.46
N ASP A 213 -5.33 23.60 -5.45
CA ASP A 213 -5.72 23.67 -6.85
C ASP A 213 -6.31 22.37 -7.37
N VAL A 214 -6.19 21.29 -6.59
CA VAL A 214 -6.70 19.99 -6.99
C VAL A 214 -8.21 20.03 -7.04
N ASP A 215 -8.79 19.35 -8.04
CA ASP A 215 -10.25 19.32 -8.13
C ASP A 215 -10.85 18.36 -7.11
N TYR A 216 -10.18 17.24 -6.84
CA TYR A 216 -10.64 16.28 -5.84
C TYR A 216 -9.46 15.72 -5.07
N VAL A 217 -9.57 15.64 -3.76
CA VAL A 217 -8.52 15.05 -2.93
C VAL A 217 -9.09 13.77 -2.35
N LEU A 218 -8.53 12.64 -2.73
CA LEU A 218 -9.01 11.33 -2.30
C LEU A 218 -7.99 10.64 -1.41
N PHE A 219 -8.47 9.99 -0.35
CA PHE A 219 -7.60 9.25 0.57
C PHE A 219 -8.09 7.82 0.70
N ASN A 220 -7.17 6.85 0.67
CA ASN A 220 -7.54 5.45 0.84
C ASN A 220 -7.58 5.15 2.33
N THR A 221 -8.65 5.59 2.97
CA THR A 221 -8.87 5.39 4.40
C THR A 221 -10.36 5.56 4.64
N PHE A 222 -10.81 5.25 5.86
CA PHE A 222 -12.19 5.57 6.21
C PHE A 222 -12.24 6.37 7.50
N ASP A 223 -13.28 7.20 7.62
CA ASP A 223 -13.34 8.21 8.67
C ASP A 223 -13.18 7.60 10.06
N ALA A 224 -13.90 6.52 10.34
CA ALA A 224 -13.90 5.97 11.69
C ALA A 224 -12.50 5.56 12.14
N LEU A 225 -11.62 5.28 11.20
CA LEU A 225 -10.26 4.84 11.49
C LEU A 225 -9.37 5.98 12.00
N GLU A 226 -9.69 7.22 11.63
CA GLU A 226 -8.86 8.32 12.11
C GLU A 226 -9.71 9.59 12.12
N ILE A 227 -10.70 9.59 13.01
CA ILE A 227 -11.75 10.60 13.03
C ILE A 227 -11.15 11.99 13.15
N GLU A 228 -10.26 12.19 14.12
CA GLU A 228 -9.81 13.56 14.41
C GLU A 228 -8.93 14.11 13.30
N VAL A 229 -8.01 13.32 12.75
CA VAL A 229 -7.14 13.87 11.72
C VAL A 229 -7.92 14.13 10.44
N VAL A 230 -8.87 13.24 10.10
CA VAL A 230 -9.75 13.49 8.97
C VAL A 230 -10.52 14.79 9.17
N ASN A 231 -11.09 14.98 10.37
CA ASN A 231 -11.85 16.20 10.67
C ASN A 231 -10.97 17.44 10.51
N TRP A 232 -9.76 17.39 11.06
CA TRP A 232 -8.81 18.50 10.92
C TRP A 232 -8.52 18.77 9.45
N MET A 233 -8.22 17.71 8.70
CA MET A 233 -7.96 17.84 7.27
C MET A 233 -9.15 18.46 6.56
N GLY A 234 -10.35 17.99 6.87
CA GLY A 234 -11.55 18.54 6.25
C GLY A 234 -11.81 19.99 6.57
N SER A 235 -11.32 20.48 7.72
CA SER A 235 -11.38 21.90 8.02
C SER A 235 -10.51 22.74 7.09
N LYS A 236 -9.58 22.14 6.35
CA LYS A 236 -8.70 22.88 5.46
C LYS A 236 -9.10 22.76 3.99
N TRP A 237 -9.38 21.56 3.52
CA TRP A 237 -9.74 21.29 2.15
C TRP A 237 -10.88 20.30 2.15
N PRO A 238 -11.74 20.33 1.15
CA PRO A 238 -12.70 19.25 0.98
C PRO A 238 -11.95 17.99 0.59
N ILE A 239 -11.96 16.99 1.47
CA ILE A 239 -11.30 15.74 1.16
C ILE A 239 -12.38 14.68 1.10
N LEU A 240 -12.07 13.61 0.36
CA LEU A 240 -13.01 12.49 0.18
C LEU A 240 -12.29 11.22 0.63
N THR A 241 -12.70 10.68 1.77
CA THR A 241 -12.18 9.38 2.19
C THR A 241 -12.95 8.28 1.48
N VAL A 242 -12.26 7.42 0.72
CA VAL A 242 -12.92 6.46 -0.15
C VAL A 242 -12.49 5.03 0.13
N GLY A 243 -11.81 4.78 1.26
CA GLY A 243 -11.21 3.48 1.49
C GLY A 243 -12.00 2.60 2.47
N PRO A 244 -11.66 1.30 2.53
CA PRO A 244 -10.65 0.67 1.70
C PRO A 244 -11.14 0.58 0.26
N THR A 245 -10.30 0.95 -0.73
CA THR A 245 -10.73 0.73 -2.11
C THR A 245 -10.73 -0.76 -2.46
N ALA A 246 -9.91 -1.57 -1.79
CA ALA A 246 -9.85 -3.00 -2.07
C ALA A 246 -11.21 -3.63 -1.77
N PRO A 247 -11.63 -4.62 -2.56
CA PRO A 247 -12.91 -5.27 -2.29
C PRO A 247 -12.82 -6.01 -0.98
N THR A 248 -13.74 -5.70 -0.07
CA THR A 248 -13.72 -6.20 1.30
C THR A 248 -12.33 -6.13 1.94
N ASN A 267 -9.37 -8.88 -9.43
CA ASN A 267 -8.78 -8.17 -8.27
C ASN A 267 -7.27 -8.01 -8.40
N TYR A 268 -6.63 -8.71 -9.32
CA TYR A 268 -5.18 -8.69 -9.41
C TYR A 268 -4.73 -8.49 -10.85
N LEU A 269 -3.64 -7.75 -11.02
CA LEU A 269 -3.05 -7.65 -12.35
C LEU A 269 -1.87 -8.59 -12.52
N PHE A 270 -1.20 -8.87 -11.43
CA PHE A 270 0.04 -9.61 -11.45
C PHE A 270 -0.23 -11.06 -11.08
N GLU A 271 0.77 -11.90 -11.32
CA GLU A 271 0.67 -13.32 -11.00
C GLU A 271 0.55 -13.48 -9.49
N THR A 272 -0.52 -14.12 -9.03
CA THR A 272 -0.77 -14.31 -7.59
C THR A 272 -0.73 -15.76 -7.14
N ASN A 273 -0.49 -16.73 -8.03
CA ASN A 273 -0.42 -18.14 -7.63
C ASN A 273 -1.65 -18.54 -6.83
N THR A 274 -2.82 -18.09 -7.28
CA THR A 274 -4.02 -18.18 -6.47
C THR A 274 -4.36 -19.63 -6.15
N GLU A 275 -4.34 -20.50 -7.16
CA GLU A 275 -4.78 -21.87 -6.96
C GLU A 275 -3.89 -22.60 -5.97
N VAL A 276 -2.58 -22.44 -6.07
CA VAL A 276 -1.69 -23.14 -5.13
C VAL A 276 -1.90 -22.60 -3.71
N CYS A 277 -2.07 -21.29 -3.58
CA CYS A 277 -2.19 -20.69 -2.24
C CYS A 277 -3.50 -21.08 -1.58
N MET A 278 -4.61 -20.96 -2.30
CA MET A 278 -5.90 -21.19 -1.64
C MET A 278 -6.12 -22.66 -1.34
N LYS A 279 -5.54 -23.55 -2.13
CA LYS A 279 -5.71 -24.96 -1.82
C LYS A 279 -4.91 -25.35 -0.57
N TRP A 280 -3.73 -24.75 -0.39
CA TRP A 280 -2.95 -25.00 0.83
C TRP A 280 -3.67 -24.45 2.06
N LEU A 281 -4.26 -23.24 1.94
CA LEU A 281 -4.98 -22.64 3.07
C LEU A 281 -6.24 -23.44 3.41
N ASP A 282 -6.92 -24.00 2.40
CA ASP A 282 -8.11 -24.81 2.65
C ASP A 282 -7.79 -26.09 3.41
N GLN A 283 -6.53 -26.51 3.44
CA GLN A 283 -6.11 -27.65 4.25
C GLN A 283 -5.75 -27.26 5.68
N ARG A 284 -5.79 -25.98 6.03
CA ARG A 284 -5.39 -25.50 7.34
C ARG A 284 -6.61 -25.25 8.22
N GLU A 285 -6.48 -25.55 9.51
CA GLU A 285 -7.59 -25.32 10.42
C GLU A 285 -7.72 -23.83 10.73
N ILE A 286 -8.90 -23.45 11.23
CA ILE A 286 -9.18 -22.06 11.59
C ILE A 286 -8.11 -21.56 12.54
N ASP A 287 -7.61 -20.34 12.30
CA ASP A 287 -6.79 -19.65 13.29
C ASP A 287 -5.45 -20.35 13.51
N THR A 288 -4.82 -20.87 12.46
CA THR A 288 -3.58 -21.58 12.68
C THR A 288 -2.38 -21.09 11.89
N VAL A 289 -2.58 -20.21 10.91
CA VAL A 289 -1.56 -19.90 9.92
C VAL A 289 -1.01 -18.51 10.18
N ILE A 290 0.31 -18.39 10.20
CA ILE A 290 0.96 -17.09 10.15
C ILE A 290 1.17 -16.71 8.70
N TYR A 291 0.53 -15.64 8.25
CA TYR A 291 0.81 -15.08 6.93
C TYR A 291 1.98 -14.11 7.08
N VAL A 292 2.99 -14.25 6.23
CA VAL A 292 4.21 -13.45 6.33
C VAL A 292 4.49 -12.78 4.99
N SER A 293 4.59 -11.45 5.00
CA SER A 293 4.95 -10.75 3.77
C SER A 293 5.60 -9.41 4.09
N PHE A 294 6.65 -9.08 3.33
CA PHE A 294 7.26 -7.77 3.43
C PHE A 294 6.95 -6.90 2.22
N GLY A 295 5.90 -7.24 1.51
CA GLY A 295 5.40 -6.40 0.45
C GLY A 295 6.14 -6.58 -0.86
N SER A 296 6.03 -5.55 -1.72
CA SER A 296 6.52 -5.63 -3.09
C SER A 296 7.92 -5.04 -3.27
N LEU A 297 8.48 -4.37 -2.26
CA LEU A 297 9.72 -3.61 -2.46
C LEU A 297 10.78 -3.94 -1.42
N ALA A 298 10.39 -3.98 -0.15
CA ALA A 298 11.35 -4.19 0.92
C ALA A 298 12.11 -5.50 0.73
N SER A 299 13.43 -5.46 0.92
CA SER A 299 14.27 -6.64 0.77
C SER A 299 15.15 -6.78 2.00
N LEU A 300 14.98 -7.89 2.72
CA LEU A 300 15.73 -8.14 3.95
C LEU A 300 17.08 -8.76 3.63
N THR A 301 18.06 -8.52 4.51
CA THR A 301 19.37 -9.11 4.29
C THR A 301 19.31 -10.61 4.52
N GLU A 302 20.32 -11.31 3.97
CA GLU A 302 20.44 -12.73 4.26
C GLU A 302 20.45 -13.00 5.75
N GLU A 303 21.13 -12.14 6.53
CA GLU A 303 21.13 -12.33 7.98
C GLU A 303 19.72 -12.21 8.55
N GLN A 304 18.95 -11.23 8.11
CA GLN A 304 17.60 -11.09 8.63
C GLN A 304 16.70 -12.22 8.14
N MET A 305 16.84 -12.63 6.88
CA MET A 305 16.07 -13.77 6.38
C MET A 305 16.25 -15.00 7.26
N GLU A 306 17.50 -15.25 7.70
CA GLU A 306 17.76 -16.44 8.50
C GLU A 306 17.01 -16.39 9.83
N GLN A 307 17.00 -15.22 10.49
CA GLN A 307 16.30 -15.11 11.76
C GLN A 307 14.80 -15.35 11.58
N VAL A 308 14.20 -14.71 10.57
CA VAL A 308 12.79 -14.96 10.27
C VAL A 308 12.57 -16.43 10.00
N SER A 309 13.44 -17.06 9.19
CA SER A 309 13.29 -18.49 8.88
C SER A 309 13.31 -19.35 10.14
N GLN A 310 14.32 -19.18 10.99
CA GLN A 310 14.39 -20.02 12.19
C GLN A 310 13.22 -19.73 13.13
N ALA A 311 12.81 -18.46 13.22
CA ALA A 311 11.66 -18.13 14.05
C ALA A 311 10.43 -18.89 13.59
N LEU A 312 10.18 -18.90 12.28
CA LEU A 312 8.99 -19.59 11.79
C LEU A 312 9.10 -21.09 12.05
N ILE A 313 10.29 -21.65 11.82
CA ILE A 313 10.48 -23.09 12.02
C ILE A 313 10.33 -23.45 13.49
N ARG A 314 11.00 -22.70 14.38
CA ARG A 314 10.96 -23.11 15.78
C ARG A 314 9.66 -22.71 16.47
N SER A 315 8.94 -21.71 15.97
CA SER A 315 7.52 -21.71 16.27
C SER A 315 6.94 -22.96 15.64
N ASN A 316 5.88 -23.51 16.19
CA ASN A 316 5.41 -24.73 15.53
C ASN A 316 4.16 -24.49 14.71
N CYS A 317 4.09 -23.31 14.09
CA CYS A 317 2.89 -22.88 13.39
C CYS A 317 3.03 -23.13 11.89
N TYR A 318 1.88 -23.32 11.26
CA TYR A 318 1.87 -23.27 9.81
C TYR A 318 2.08 -21.84 9.37
N PHE A 319 2.74 -21.67 8.22
CA PHE A 319 3.03 -20.31 7.77
C PHE A 319 3.03 -20.26 6.24
N LEU A 320 2.50 -19.17 5.72
CA LEU A 320 2.59 -18.85 4.30
C LEU A 320 3.46 -17.61 4.21
N TRP A 321 4.63 -17.76 3.61
CA TRP A 321 5.63 -16.70 3.56
C TRP A 321 5.87 -16.34 2.09
N VAL A 322 5.52 -15.11 1.74
CA VAL A 322 5.77 -14.54 0.43
C VAL A 322 7.23 -14.07 0.40
N VAL A 323 8.06 -14.77 -0.37
CA VAL A 323 9.42 -14.36 -0.65
C VAL A 323 9.50 -14.14 -2.15
N ARG A 324 9.64 -12.87 -2.55
CA ARG A 324 9.66 -12.55 -3.98
C ARG A 324 10.78 -13.31 -4.67
N GLU A 325 10.59 -13.57 -5.97
CA GLU A 325 11.50 -14.46 -6.68
C GLU A 325 12.94 -13.93 -6.66
N GLU A 326 13.12 -12.60 -6.74
CA GLU A 326 14.47 -12.05 -6.69
C GLU A 326 15.06 -12.07 -5.28
N GLU A 327 14.26 -12.39 -4.27
CA GLU A 327 14.75 -12.48 -2.89
C GLU A 327 14.99 -13.91 -2.43
N GLU A 328 14.52 -14.89 -3.20
CA GLU A 328 14.64 -16.29 -2.83
C GLU A 328 16.06 -16.70 -2.52
N ASN A 329 17.01 -16.22 -3.32
CA ASN A 329 18.39 -16.68 -3.19
C ASN A 329 19.03 -16.30 -1.85
N LYS A 330 18.39 -15.45 -1.05
CA LYS A 330 18.88 -15.10 0.26
C LYS A 330 18.26 -15.94 1.38
N LEU A 331 17.39 -16.89 1.05
CA LEU A 331 16.87 -17.82 2.04
C LEU A 331 17.96 -18.82 2.43
N PRO A 332 17.85 -19.44 3.61
CA PRO A 332 18.77 -20.52 3.96
C PRO A 332 18.72 -21.65 2.94
N LYS A 333 19.81 -22.41 2.89
CA LYS A 333 20.11 -23.29 1.77
C LYS A 333 18.92 -24.18 1.37
N ASP A 334 18.41 -24.97 2.31
CA ASP A 334 17.35 -25.92 2.00
C ASP A 334 15.99 -25.48 2.54
N PHE A 335 15.82 -24.20 2.83
CA PHE A 335 14.59 -23.77 3.51
C PHE A 335 13.37 -23.98 2.62
N LYS A 336 13.40 -23.46 1.39
CA LYS A 336 12.23 -23.54 0.52
C LYS A 336 11.90 -24.97 0.13
N GLU A 337 12.91 -25.79 -0.20
CA GLU A 337 12.66 -27.11 -0.75
C GLU A 337 12.43 -28.17 0.32
N THR A 338 13.05 -28.03 1.49
CA THR A 338 13.01 -29.09 2.49
C THR A 338 12.47 -28.60 3.82
N THR A 339 13.20 -27.74 4.53
CA THR A 339 12.88 -27.46 5.93
C THR A 339 11.47 -26.88 6.08
N SER A 340 11.04 -26.05 5.14
CA SER A 340 9.72 -25.45 5.24
C SER A 340 8.60 -26.35 4.76
N LYS A 341 8.89 -27.58 4.33
CA LYS A 341 7.84 -28.36 3.69
C LYS A 341 6.81 -28.86 4.69
N LYS A 342 7.23 -29.09 5.94
CA LYS A 342 6.31 -29.69 6.92
C LYS A 342 5.17 -28.72 7.27
N LYS A 343 5.50 -27.46 7.54
CA LYS A 343 4.50 -26.52 8.00
C LYS A 343 4.35 -25.27 7.14
N GLY A 344 5.18 -25.08 6.12
CA GLY A 344 5.23 -23.82 5.39
C GLY A 344 4.86 -23.92 3.93
N LEU A 345 4.35 -22.83 3.39
CA LEU A 345 4.26 -22.62 1.95
C LEU A 345 5.03 -21.34 1.67
N VAL A 346 6.14 -21.47 0.95
CA VAL A 346 6.96 -20.33 0.54
C VAL A 346 6.66 -20.07 -0.92
N ILE A 347 6.16 -18.87 -1.22
CA ILE A 347 5.60 -18.55 -2.53
C ILE A 347 6.10 -17.17 -2.94
N ASN A 348 6.24 -16.96 -4.25
CA ASN A 348 6.83 -15.69 -4.68
C ASN A 348 5.82 -14.54 -4.75
N TRP A 349 4.53 -14.83 -4.64
CA TRP A 349 3.48 -13.83 -4.57
C TRP A 349 2.18 -14.58 -4.33
N CYS A 350 1.24 -13.96 -3.62
CA CYS A 350 -0.01 -14.63 -3.27
C CYS A 350 -1.17 -13.69 -3.54
N PRO A 351 -2.42 -14.20 -3.49
CA PRO A 351 -3.56 -13.30 -3.64
C PRO A 351 -3.89 -12.71 -2.29
N GLN A 352 -3.26 -11.58 -1.95
CA GLN A 352 -3.19 -11.18 -0.54
C GLN A 352 -4.57 -10.88 0.04
N LEU A 353 -5.47 -10.29 -0.75
CA LEU A 353 -6.83 -10.08 -0.25
C LEU A 353 -7.51 -11.40 0.07
N ASP A 354 -7.37 -12.40 -0.82
CA ASP A 354 -7.97 -13.71 -0.55
C ASP A 354 -7.30 -14.41 0.62
N VAL A 355 -5.99 -14.24 0.79
CA VAL A 355 -5.30 -14.87 1.91
C VAL A 355 -5.76 -14.27 3.23
N LEU A 356 -5.80 -12.94 3.32
CA LEU A 356 -6.18 -12.29 4.57
C LEU A 356 -7.65 -12.53 4.89
N ALA A 357 -8.48 -12.86 3.89
CA ALA A 357 -9.88 -13.20 4.14
C ALA A 357 -10.08 -14.65 4.57
N HIS A 358 -9.03 -15.46 4.59
CA HIS A 358 -9.17 -16.88 4.86
C HIS A 358 -9.17 -17.16 6.36
N LYS A 359 -10.13 -17.99 6.81
CA LYS A 359 -10.34 -18.24 8.24
C LYS A 359 -9.13 -18.90 8.89
N SER A 360 -8.32 -19.62 8.12
CA SER A 360 -7.15 -20.29 8.66
C SER A 360 -6.11 -19.30 9.18
N VAL A 361 -6.09 -18.07 8.66
CA VAL A 361 -5.02 -17.14 9.03
C VAL A 361 -5.26 -16.61 10.44
N ALA A 362 -4.25 -16.77 11.29
CA ALA A 362 -4.33 -16.29 12.67
C ALA A 362 -3.70 -14.92 12.87
N CYS A 363 -2.66 -14.59 12.11
CA CYS A 363 -2.02 -13.29 12.24
C CYS A 363 -1.12 -13.07 11.03
N PHE A 364 -0.61 -11.85 10.94
CA PHE A 364 0.01 -11.33 9.72
C PHE A 364 1.30 -10.67 10.14
N MET A 365 2.44 -11.31 9.85
CA MET A 365 3.74 -10.69 10.09
C MET A 365 4.02 -9.83 8.87
N THR A 366 4.08 -8.51 9.07
CA THR A 366 3.99 -7.56 7.97
C THR A 366 5.03 -6.45 8.13
N HIS A 367 5.48 -5.93 7.00
CA HIS A 367 6.31 -4.72 7.03
C HIS A 367 5.50 -3.45 7.28
N CYS A 368 4.17 -3.55 7.35
CA CYS A 368 3.29 -2.44 7.68
C CYS A 368 3.25 -1.36 6.60
N GLY A 369 3.41 -1.76 5.34
CA GLY A 369 2.96 -0.90 4.27
C GLY A 369 1.49 -0.60 4.46
N TRP A 370 1.01 0.52 3.94
CA TRP A 370 -0.35 0.93 4.28
C TRP A 370 -1.38 0.00 3.67
N ASN A 371 -1.15 -0.49 2.44
CA ASN A 371 -2.14 -1.40 1.86
C ASN A 371 -2.28 -2.67 2.70
N SER A 372 -1.15 -3.26 3.11
CA SER A 372 -1.22 -4.46 3.94
C SER A 372 -1.86 -4.17 5.29
N THR A 373 -1.52 -3.02 5.87
CA THR A 373 -2.09 -2.60 7.15
C THR A 373 -3.62 -2.48 7.06
N LEU A 374 -4.08 -1.70 6.07
CA LEU A 374 -5.52 -1.51 5.90
C LEU A 374 -6.23 -2.81 5.52
N GLU A 375 -5.64 -3.58 4.59
CA GLU A 375 -6.26 -4.85 4.21
C GLU A 375 -6.39 -5.79 5.42
N ALA A 376 -5.41 -5.80 6.31
CA ALA A 376 -5.46 -6.72 7.46
C ALA A 376 -6.56 -6.26 8.44
N LEU A 377 -6.58 -4.96 8.76
CA LEU A 377 -7.60 -4.37 9.66
C LEU A 377 -9.01 -4.63 9.13
N CYS A 378 -9.23 -4.38 7.84
CA CYS A 378 -10.55 -4.58 7.19
C CYS A 378 -10.89 -6.06 7.11
N SER A 379 -9.89 -6.91 7.22
CA SER A 379 -10.13 -8.38 7.21
C SER A 379 -10.18 -8.93 8.65
N GLY A 380 -9.87 -8.12 9.66
CA GLY A 380 -9.93 -8.61 11.03
C GLY A 380 -8.74 -9.45 11.44
N VAL A 381 -7.56 -9.20 10.88
CA VAL A 381 -6.37 -10.02 11.11
C VAL A 381 -5.38 -9.21 11.94
N PRO A 382 -5.02 -9.64 13.14
CA PRO A 382 -4.01 -8.90 13.91
C PRO A 382 -2.61 -9.12 13.35
N MET A 383 -1.70 -8.17 13.64
CA MET A 383 -0.38 -8.28 13.04
C MET A 383 0.79 -8.27 14.01
N ILE A 384 1.90 -8.76 13.47
CA ILE A 384 3.23 -8.62 14.03
C ILE A 384 3.97 -7.64 13.13
N CYS A 385 4.39 -6.53 13.71
CA CYS A 385 4.86 -5.36 12.97
C CYS A 385 6.37 -5.38 12.86
N MET A 386 6.87 -5.41 11.63
CA MET A 386 8.30 -5.40 11.35
C MET A 386 8.58 -4.33 10.30
N PRO A 387 8.37 -3.06 10.64
CA PRO A 387 8.50 -1.99 9.64
C PRO A 387 9.93 -1.83 9.17
N GLN A 388 10.08 -1.39 7.93
CA GLN A 388 11.40 -1.21 7.34
C GLN A 388 11.76 0.25 7.06
N TRP A 389 10.88 1.01 6.38
CA TRP A 389 11.21 2.40 6.09
C TRP A 389 9.96 3.14 5.63
N ALA A 390 10.13 4.42 5.30
CA ALA A 390 9.04 5.33 4.95
C ALA A 390 7.92 5.27 5.97
N ASP A 391 6.68 5.22 5.50
CA ASP A 391 5.52 5.31 6.38
C ASP A 391 5.32 4.05 7.23
N GLN A 392 6.08 2.99 6.96
CA GLN A 392 5.90 1.72 7.68
C GLN A 392 6.13 1.89 9.18
N THR A 393 7.13 2.68 9.56
CA THR A 393 7.41 2.90 10.98
C THR A 393 6.23 3.56 11.68
N THR A 394 5.68 4.61 11.06
CA THR A 394 4.50 5.27 11.61
C THR A 394 3.30 4.34 11.63
N ASN A 395 3.10 3.59 10.54
CA ASN A 395 1.98 2.66 10.49
C ASN A 395 2.06 1.66 11.63
N ALA A 396 3.26 1.15 11.91
CA ALA A 396 3.41 0.16 12.99
C ALA A 396 3.02 0.76 14.34
N LYS A 397 3.36 2.03 14.55
CA LYS A 397 3.01 2.68 15.81
C LYS A 397 1.50 2.84 15.93
N LEU A 398 0.84 3.21 14.83
CA LEU A 398 -0.62 3.30 14.83
C LEU A 398 -1.26 1.94 15.03
N ILE A 399 -0.74 0.91 14.37
CA ILE A 399 -1.26 -0.45 14.58
C ILE A 399 -1.20 -0.82 16.06
N GLU A 400 -0.05 -0.63 16.67
CA GLU A 400 0.14 -1.14 18.04
C GLU A 400 -0.54 -0.27 19.08
N HIS A 401 -0.48 1.05 18.92
CA HIS A 401 -0.83 1.91 20.02
C HIS A 401 -2.15 2.64 19.86
N VAL A 402 -2.63 2.83 18.64
CA VAL A 402 -3.90 3.51 18.42
C VAL A 402 -5.00 2.49 18.13
N TRP A 403 -4.87 1.74 17.04
CA TRP A 403 -5.90 0.79 16.66
C TRP A 403 -5.81 -0.49 17.48
N LYS A 404 -4.63 -0.78 18.04
CA LYS A 404 -4.43 -1.86 19.02
C LYS A 404 -4.77 -3.22 18.41
N ILE A 405 -4.22 -3.48 17.23
CA ILE A 405 -4.46 -4.74 16.54
C ILE A 405 -3.14 -5.40 16.18
N GLY A 406 -2.06 -4.97 16.82
CA GLY A 406 -0.78 -5.62 16.58
C GLY A 406 0.23 -5.36 17.67
N VAL A 407 1.34 -6.11 17.58
CA VAL A 407 2.52 -5.88 18.39
C VAL A 407 3.69 -5.67 17.44
N GLY A 408 4.74 -5.05 17.96
CA GLY A 408 5.90 -4.69 17.15
C GLY A 408 7.12 -5.45 17.61
N VAL A 409 7.93 -5.91 16.65
CA VAL A 409 9.19 -6.53 17.03
C VAL A 409 10.12 -5.44 17.56
N ASN A 410 11.06 -5.83 18.40
CA ASN A 410 12.10 -4.94 18.90
C ASN A 410 13.44 -5.36 18.31
N LYS A 411 14.05 -4.46 17.55
CA LYS A 411 15.37 -4.70 16.98
C LYS A 411 16.40 -4.79 18.10
N SER A 412 17.56 -5.36 17.76
CA SER A 412 18.64 -5.57 18.72
C SER A 412 19.77 -4.56 18.53
N GLY A 416 21.39 -3.80 14.10
CA GLY A 416 19.97 -3.51 14.06
C GLY A 416 19.12 -4.63 13.49
N ILE A 417 19.38 -5.85 13.93
CA ILE A 417 18.73 -7.04 13.40
C ILE A 417 17.65 -7.51 14.37
N VAL A 418 16.51 -7.93 13.83
CA VAL A 418 15.48 -8.55 14.66
C VAL A 418 15.80 -10.02 14.80
N LYS A 419 15.94 -10.48 16.05
CA LYS A 419 16.40 -11.83 16.34
C LYS A 419 15.23 -12.81 16.40
N ARG A 420 15.51 -14.07 16.02
CA ARG A 420 14.49 -15.11 16.05
C ARG A 420 13.74 -15.15 17.39
N GLU A 421 14.43 -14.91 18.50
CA GLU A 421 13.75 -14.98 19.80
C GLU A 421 12.68 -13.91 19.92
N GLU A 422 12.97 -12.71 19.42
CA GLU A 422 11.99 -11.63 19.45
C GLU A 422 10.78 -11.96 18.59
N ILE A 423 11.02 -12.46 17.38
CA ILE A 423 9.90 -12.85 16.52
C ILE A 423 9.07 -13.93 17.19
N GLU A 424 9.72 -14.95 17.76
CA GLU A 424 8.98 -16.05 18.39
C GLU A 424 8.13 -15.56 19.55
N ASP A 425 8.68 -14.66 20.37
CA ASP A 425 7.89 -14.05 21.43
C ASP A 425 6.66 -13.32 20.88
N CYS A 426 6.82 -12.56 19.80
CA CYS A 426 5.66 -11.89 19.21
C CYS A 426 4.64 -12.89 18.72
N ILE A 427 5.10 -14.00 18.14
CA ILE A 427 4.15 -15.01 17.66
C ILE A 427 3.34 -15.57 18.82
N ARG A 428 4.01 -15.90 19.93
CA ARG A 428 3.27 -16.43 21.09
C ARG A 428 2.30 -15.40 21.64
N GLN A 429 2.74 -14.14 21.76
CA GLN A 429 1.83 -13.07 22.18
C GLN A 429 0.54 -13.05 21.38
N VAL A 430 0.65 -13.16 20.06
CA VAL A 430 -0.54 -13.07 19.22
C VAL A 430 -1.30 -14.39 19.16
N ILE A 431 -0.58 -15.52 19.07
CA ILE A 431 -1.21 -16.82 18.82
C ILE A 431 -1.73 -17.44 20.11
N GLU A 432 -1.00 -17.28 21.21
CA GLU A 432 -1.27 -18.04 22.43
C GLU A 432 -1.73 -17.19 23.61
N SER A 433 -1.26 -15.96 23.73
CA SER A 433 -1.51 -15.19 24.94
C SER A 433 -2.92 -14.61 24.94
N GLU A 434 -3.39 -14.30 26.15
CA GLU A 434 -4.64 -13.55 26.28
C GLU A 434 -4.60 -12.24 25.51
N ARG A 435 -3.44 -11.59 25.44
CA ARG A 435 -3.36 -10.32 24.72
C ARG A 435 -3.76 -10.49 23.27
N GLY A 436 -3.30 -11.57 22.62
CA GLY A 436 -3.64 -11.81 21.24
C GLY A 436 -5.13 -11.96 21.01
N LYS A 437 -5.85 -12.51 21.98
CA LYS A 437 -7.30 -12.58 21.88
C LYS A 437 -7.91 -11.18 21.87
N GLU A 438 -7.31 -10.27 22.65
CA GLU A 438 -7.76 -8.88 22.64
C GLU A 438 -7.46 -8.23 21.30
N LEU A 439 -6.25 -8.44 20.77
CA LEU A 439 -5.91 -7.88 19.46
C LEU A 439 -6.86 -8.39 18.39
N LYS A 440 -7.24 -9.67 18.46
CA LYS A 440 -8.15 -10.22 17.47
C LYS A 440 -9.53 -9.59 17.59
N ARG A 441 -10.01 -9.41 18.82
CA ARG A 441 -11.32 -8.79 19.00
C ARG A 441 -11.29 -7.35 18.49
N ASN A 442 -10.20 -6.64 18.75
CA ASN A 442 -10.07 -5.27 18.24
C ASN A 442 -10.06 -5.26 16.72
N ALA A 443 -9.38 -6.24 16.11
CA ALA A 443 -9.33 -6.31 14.64
C ALA A 443 -10.72 -6.61 14.06
N ILE A 444 -11.49 -7.49 14.71
CA ILE A 444 -12.85 -7.74 14.23
C ILE A 444 -13.71 -6.48 14.36
N LYS A 445 -13.55 -5.71 15.44
CA LYS A 445 -14.27 -4.45 15.57
C LYS A 445 -13.95 -3.51 14.41
N TRP A 446 -12.67 -3.42 14.03
CA TRP A 446 -12.31 -2.55 12.90
C TRP A 446 -12.88 -3.10 11.58
N LYS A 447 -12.88 -4.43 11.42
CA LYS A 447 -13.48 -5.04 10.25
C LYS A 447 -14.94 -4.63 10.10
N GLU A 448 -15.67 -4.58 11.22
CA GLU A 448 -17.07 -4.19 11.18
C GLU A 448 -17.23 -2.72 10.81
N LEU A 449 -16.37 -1.86 11.35
CA LEU A 449 -16.44 -0.44 11.00
C LEU A 449 -16.08 -0.22 9.53
N ALA A 450 -15.12 -0.99 9.02
CA ALA A 450 -14.76 -0.88 7.61
C ALA A 450 -15.89 -1.37 6.71
N LYS A 451 -16.55 -2.46 7.10
CA LYS A 451 -17.69 -2.94 6.32
C LYS A 451 -18.78 -1.88 6.27
N GLU A 452 -19.05 -1.23 7.39
CA GLU A 452 -20.03 -0.16 7.43
C GLU A 452 -19.60 1.00 6.53
N ALA A 453 -18.31 1.34 6.54
CA ALA A 453 -17.83 2.46 5.74
C ALA A 453 -18.06 2.26 4.24
N VAL A 454 -17.93 1.02 3.75
CA VAL A 454 -18.05 0.75 2.32
C VAL A 454 -19.45 0.31 1.91
N SER A 455 -20.35 0.12 2.87
CA SER A 455 -21.72 -0.27 2.59
C SER A 455 -22.59 0.96 2.38
N GLU A 456 -23.81 0.73 1.90
CA GLU A 456 -24.69 1.85 1.60
C GLU A 456 -24.91 2.69 2.85
N GLY A 457 -24.79 4.01 2.71
CA GLY A 457 -24.87 4.88 3.86
C GLY A 457 -23.57 5.09 4.61
N GLY A 458 -22.51 4.34 4.29
CA GLY A 458 -21.26 4.50 4.98
C GLY A 458 -20.45 5.69 4.46
N SER A 459 -19.48 6.13 5.25
CA SER A 459 -18.72 7.34 4.89
C SER A 459 -18.01 7.19 3.55
N SER A 460 -17.38 6.03 3.32
CA SER A 460 -16.63 5.86 2.07
C SER A 460 -17.58 5.65 0.89
N CYS A 461 -18.67 4.91 1.10
CA CYS A 461 -19.66 4.76 0.05
C CYS A 461 -20.25 6.11 -0.33
N ASN A 462 -20.62 6.91 0.68
CA ASN A 462 -21.14 8.25 0.41
C ASN A 462 -20.14 9.08 -0.38
N ASN A 463 -18.86 8.98 -0.05
CA ASN A 463 -17.86 9.85 -0.69
C ASN A 463 -17.60 9.42 -2.13
N ILE A 464 -17.59 8.11 -2.39
CA ILE A 464 -17.46 7.64 -3.76
C ILE A 464 -18.66 8.07 -4.59
N GLN A 465 -19.86 8.02 -4.00
CA GLN A 465 -21.06 8.50 -4.69
C GLN A 465 -20.98 10.00 -4.95
N GLU A 466 -20.52 10.78 -3.97
CA GLU A 466 -20.35 12.22 -4.17
C GLU A 466 -19.36 12.50 -5.31
N PHE A 467 -18.24 11.78 -5.32
CA PHE A 467 -17.27 11.91 -6.41
C PHE A 467 -17.90 11.54 -7.76
N SER A 468 -18.58 10.39 -7.82
CA SER A 468 -19.20 9.99 -9.08
C SER A 468 -20.22 11.02 -9.54
N SER A 469 -21.08 11.47 -8.63
CA SER A 469 -22.11 12.42 -9.01
C SER A 469 -21.51 13.74 -9.50
N SER A 470 -20.45 14.20 -8.83
CA SER A 470 -19.74 15.40 -9.26
C SER A 470 -19.27 15.27 -10.70
N LEU A 471 -18.73 14.10 -11.07
CA LEU A 471 -18.27 13.88 -12.44
C LEU A 471 -19.44 13.93 -13.42
N LEU A 472 -20.63 13.57 -12.95
CA LEU A 472 -21.83 13.62 -13.78
C LEU A 472 -22.33 15.06 -13.88
N1 UPG B . 0.29 -8.07 -2.23
C2 UPG B . -0.16 -9.11 -2.90
N3 UPG B . 0.38 -10.33 -2.83
C4 UPG B . 1.43 -10.51 -2.04
C5 UPG B . 1.95 -9.45 -1.31
C6 UPG B . 1.34 -8.21 -1.44
O2 UPG B . -1.24 -8.99 -3.70
O4 UPG B . 2.00 -11.77 -1.97
C1C UPG B . -0.33 -6.75 -2.37
C2C UPG B . -0.87 -6.27 -1.28
O2C UPG B . -2.32 -6.68 -1.17
C3C UPG B . -0.79 -4.75 -1.50
C4C UPG B . 0.62 -4.62 -2.16
O4C UPG B . 0.96 -5.81 -2.56
O3C UPG B . -1.76 -4.31 -2.37
C5C UPG B . 1.64 -4.18 -1.04
O5C UPG B . 1.38 -2.83 -0.73
PA UPG B . 1.92 -2.24 0.71
O1A UPG B . 1.34 -0.85 0.80
O2A UPG B . 1.46 -3.11 1.86
O3A UPG B . 3.55 -2.29 0.74
PB UPG B . 4.63 -1.90 -0.46
O1B UPG B . 5.93 -1.70 0.27
O2B UPG B . 4.73 -3.08 -1.40
O3B UPG B . 4.12 -0.53 -1.25
C1' UPG B . 3.92 0.67 -0.59
C2' UPG B . 4.13 1.89 -1.51
C3' UPG B . 3.44 3.04 -0.90
C4' UPG B . 3.84 3.30 0.50
C5' UPG B . 4.14 2.04 1.34
C6' UPG B . 2.78 1.62 1.78
O2' UPG B . 5.54 2.19 -1.68
O3' UPG B . 1.97 2.85 -0.99
O4' UPG B . 4.98 4.18 0.54
O5' UPG B . 4.74 0.89 0.63
O6' UPG B . 2.30 2.67 2.54
#